data_5DHC
#
_entry.id   5DHC
#
_cell.length_a   43.107
_cell.length_b   43.107
_cell.length_c   83.245
_cell.angle_alpha   90.00
_cell.angle_beta   90.00
_cell.angle_gamma   120.00
#
_symmetry.space_group_name_H-M   'P 3'
#
loop_
_entity.id
_entity.type
_entity.pdbx_description
1 polymer "RNA (5'-R(*(LCC)P*(LCC)P*(LCA)P*(LCG)P*AP*CP*UP*UP*AP*AP*GP*UP*CP*U)-3')"
2 non-polymer 'MAGNESIUM ION'
3 non-polymer "GUANOSINE-5'-MONOPHOSPHATE"
4 water water
#
_entity_poly.entity_id   1
_entity_poly.type   'polyribonucleotide'
_entity_poly.pdbx_seq_one_letter_code
;(LCC)(LCC)(LCA)(LCG)ACUUAAGUCU
;
_entity_poly.pdbx_strand_id   A,B,C,D
#
loop_
_chem_comp.id
_chem_comp.type
_chem_comp.name
_chem_comp.formula
5GP non-polymer GUANOSINE-5'-MONOPHOSPHATE 'C10 H14 N5 O8 P'
A RNA linking ADENOSINE-5'-MONOPHOSPHATE 'C10 H14 N5 O7 P'
C RNA linking CYTIDINE-5'-MONOPHOSPHATE 'C9 H14 N3 O8 P'
G RNA linking GUANOSINE-5'-MONOPHOSPHATE 'C10 H14 N5 O8 P'
LCA RNA linking '[(1R,3R,4R,7S)-7-HYDROXY-3-(ADENIN-9-YL)-2,5-DIOXABICYCLO[2.2.1]HEPT-1-YL]METHYL DIHYDROGEN PHOSPHATE' 'C11 H14 N5 O7 P'
LCC RNA linking '[(1R,3R,4R,7S)-7-HYDROXY-3-(5-METHYLCYTOSIN-1-YL)-2,5-DIOXABICYCLO[2.2.1]HEPT-1-YL]METHYL DIHYDROGEN PHOSPHATE' 'C11 H16 N3 O8 P'
LCG RNA linking '[(1R,3R,4R,7S)-7-HYDROXY-3-(GUANIN-9-YL)-2,5-DIOXABICYCLO[2.2.1]HEPT-1-YL]METHYL DIHYDROGEN PHOSPHATE' 'C11 H14 N5 O8 P'
MG non-polymer 'MAGNESIUM ION' 'Mg 2'
U RNA linking URIDINE-5'-MONOPHOSPHATE 'C9 H13 N2 O9 P'
#
# COMPACT_ATOMS: atom_id res chain seq x y z
O5' LCC A 1 17.82 0.13 37.49
C5' LCC A 1 18.61 1.06 36.75
C4' LCC A 1 19.87 0.29 36.40
O4' LCC A 1 20.46 -0.24 37.61
C1' LCC A 1 21.45 -1.25 37.15
N1 LCC A 1 21.22 -2.49 37.93
C6 LCC A 1 20.08 -2.59 38.74
C5 LCC A 1 19.90 -3.69 39.53
C5M LCC A 1 18.72 -3.76 40.32
C4 LCC A 1 20.90 -4.67 39.48
N4 LCC A 1 20.75 -5.74 40.29
N3 LCC A 1 22.03 -4.54 38.71
C2 LCC A 1 22.17 -3.47 37.94
O2 LCC A 1 23.13 -3.36 37.19
C3' LCC A 1 19.71 -1.03 35.63
C2' LCC A 1 21.15 -1.30 35.69
O2' LCC A 1 21.80 -0.15 35.14
O3' LCC A 1 19.28 -0.86 34.28
C6' LCC A 1 20.90 1.04 35.59
O5' LCC A 2 19.18 -3.13 33.36
C5' LCC A 2 20.28 -3.01 32.44
C4' LCC A 2 21.18 -4.20 32.85
O4' LCC A 2 21.61 -4.20 34.20
C1' LCC A 2 21.98 -5.53 34.49
N1 LCC A 2 21.06 -6.14 35.51
C6 LCC A 2 19.86 -5.49 35.88
C5 LCC A 2 19.04 -6.03 36.83
C5M LCC A 2 17.85 -5.37 37.16
C4 LCC A 2 19.50 -7.22 37.41
N4 LCC A 2 18.75 -7.80 38.36
N3 LCC A 2 20.67 -7.80 37.07
C2 LCC A 2 21.45 -7.26 36.09
O2 LCC A 2 22.51 -7.85 35.75
C3' LCC A 2 20.54 -5.55 32.71
C2' LCC A 2 21.74 -6.21 33.10
O2' LCC A 2 22.82 -5.74 32.30
O3' LCC A 2 20.24 -5.73 31.28
C6' LCC A 2 22.48 -4.29 31.97
P LCC A 2 18.07 -1.93 33.71
O1P LCC A 2 17.08 -2.56 34.60
O2P LCC A 2 17.89 -1.29 32.38
P LCA A 3 19.29 -6.98 30.77
O1P LCA A 3 18.10 -7.02 31.66
O5' LCA A 3 20.06 -8.33 31.14
C5' LCA A 3 21.32 -8.55 30.52
C3' LCA A 3 21.00 -11.04 31.17
C6' LCA A 3 23.15 -10.44 30.55
N9 LCA A 3 20.98 -10.96 34.10
C8 LCA A 3 20.05 -10.01 34.35
C4 LCA A 3 20.84 -11.97 35.01
N7 LCA A 3 19.23 -10.33 35.33
C5 LCA A 3 19.71 -11.52 35.82
C6 LCA A 3 19.35 -12.48 36.89
C2' LCA A 3 21.98 -11.84 31.94
N6 LCA A 3 18.35 -12.12 37.66
C4' LCA A 3 21.90 -9.80 31.14
C1' LCA A 3 22.11 -10.95 33.13
C2 LCA A 3 21.06 -13.89 36.27
N1 LCA A 3 20.06 -13.60 37.09
O4' LCA A 3 22.12 -9.61 32.57
O2P LCA A 3 19.16 -6.79 29.26
N3 LCA A 3 21.52 -13.12 35.24
O3' LCA A 3 20.75 -11.54 29.86
O2' LCA A 3 23.17 -11.78 31.17
P LCG A 4 19.28 -12.18 29.46
OP1 LCG A 4 19.43 -12.38 28.00
O5' LCG A 4 19.39 -13.57 30.26
C5' LCG A 4 20.44 -14.49 30.02
C3' LCG A 4 18.92 -16.21 31.10
C6' LCG A 4 21.20 -16.77 30.88
N9 LCG A 4 18.77 -15.34 33.95
C8 LCG A 4 18.26 -14.12 33.67
C4 LCG A 4 18.18 -15.71 35.11
N7 LCG A 4 17.39 -13.71 34.58
C5 LCG A 4 17.31 -14.73 35.51
C6 LCG A 4 16.62 -14.88 36.70
C2' LCG A 4 19.38 -17.15 32.20
O6 LCG A 4 15.80 -14.06 37.21
C4' LCG A 4 20.25 -15.60 31.01
C1' LCG A 4 19.76 -16.02 33.22
C2 LCG A 4 17.70 -17.01 36.92
N1 LCG A 4 16.78 -16.07 37.31
O4' LCG A 4 20.41 -15.07 32.39
OP2 LCG A 4 18.12 -11.42 29.96
N2 LCG A 4 17.81 -18.14 37.64
N3 LCG A 4 18.37 -16.86 35.78
O2' LCG A 4 20.59 -17.76 31.76
O3' LCG A 4 18.64 -16.93 29.91
O5' LCC B 1 -7.48 -31.38 24.34
C5' LCC B 1 -6.91 -32.70 24.60
C4' LCC B 1 -5.86 -32.84 23.49
O4' LCC B 1 -6.34 -32.60 22.16
C1' LCC B 1 -5.21 -32.42 21.31
N1 LCC B 1 -5.28 -31.13 20.60
C6 LCC B 1 -6.26 -30.17 20.97
C5 LCC B 1 -6.32 -28.98 20.27
C5M LCC B 1 -7.30 -28.01 20.59
C4 LCC B 1 -5.36 -28.76 19.27
N4 LCC B 1 -5.36 -27.64 18.56
N3 LCC B 1 -4.46 -29.67 18.97
C2 LCC B 1 -4.39 -30.84 19.63
O2 LCC B 1 -3.50 -31.59 19.29
C3' LCC B 1 -4.76 -31.82 23.53
C2' LCC B 1 -4.10 -32.42 22.29
O2' LCC B 1 -3.92 -33.79 22.64
O3' LCC B 1 -3.98 -31.97 24.77
C6' LCC B 1 -5.10 -34.15 23.55
O5' LCC B 2 -1.61 -31.09 24.12
C5' LCC B 2 -0.89 -32.34 24.13
C4' LCC B 2 0.02 -32.24 22.89
O4' LCC B 2 -0.63 -32.06 21.69
C1' LCC B 2 0.27 -31.50 20.80
N1 LCC B 2 -0.17 -30.16 20.38
C6 LCC B 2 -1.23 -29.48 21.01
C5 LCC B 2 -1.60 -28.27 20.52
C5M LCC B 2 -2.66 -27.58 21.19
C4 LCC B 2 -0.95 -27.78 19.40
N4 LCC B 2 -1.36 -26.59 18.95
N3 LCC B 2 0.07 -28.44 18.78
C2 LCC B 2 0.42 -29.63 19.32
O2 LCC B 2 1.35 -30.23 18.79
C3' LCC B 2 0.97 -31.06 22.90
C2' LCC B 2 1.57 -31.50 21.59
O2' LCC B 2 1.91 -32.83 21.79
O3' LCC B 2 1.78 -31.20 24.06
C6' LCC B 2 0.96 -33.42 22.79
P LCC B 2 -2.82 -30.81 25.18
O1P LCC B 2 -2.54 -31.40 26.50
O2P LCC B 2 -3.18 -29.39 24.95
P LCA B 3 2.66 -29.89 24.65
O1P LCA B 3 3.39 -30.44 25.85
O5' LCA B 3 3.68 -29.64 23.44
C5' LCA B 3 4.66 -30.66 23.17
C3' LCA B 3 6.06 -28.87 22.01
C6' LCA B 3 6.66 -31.04 21.41
N9 LCA B 3 4.34 -27.94 19.85
C8 LCA B 3 3.15 -27.67 20.50
C4 LCA B 3 4.51 -26.97 18.97
N7 LCA B 3 2.52 -26.57 20.11
C5 LCA B 3 3.34 -26.12 19.12
C6 LCA B 3 3.27 -24.94 18.24
C2' LCA B 3 6.57 -28.88 20.61
N6 LCA B 3 2.22 -24.08 18.33
C4' LCA B 3 5.44 -30.23 21.91
C1' LCA B 3 5.20 -29.09 19.97
C2 LCA B 3 5.30 -25.60 17.25
N1 LCA B 3 4.27 -24.74 17.36
O4' LCA B 3 4.55 -30.04 20.80
O2P LCA B 3 1.89 -28.58 24.59
N3 LCA B 3 5.45 -26.69 18.05
O3' LCA B 3 7.14 -28.92 22.94
O2' LCA B 3 7.30 -30.08 20.49
P LCG B 4 7.61 -27.57 23.85
OP1 LCG B 4 8.69 -28.15 24.76
O5' LCG B 4 8.28 -26.70 22.68
C5' LCG B 4 9.50 -27.05 22.05
C3' LCG B 4 9.67 -24.59 21.47
C6' LCG B 4 11.04 -26.11 20.27
N9 LCG B 4 7.38 -24.02 19.67
C8 LCG B 4 6.43 -24.43 20.54
C4 LCG B 4 6.87 -22.95 19.03
N7 LCG B 4 5.34 -23.65 20.46
C5 LCG B 4 5.63 -22.71 19.51
C6 LCG B 4 4.89 -21.71 18.97
C2' LCG B 4 9.92 -24.03 20.09
O6 LCG B 4 3.74 -21.42 19.30
C4' LCG B 4 9.72 -25.99 20.98
C1' LCG B 4 8.68 -24.61 19.41
C2 LCG B 4 6.82 -21.19 17.58
N1 LCG B 4 5.53 -20.95 18.00
O4' LCG B 4 8.61 -25.98 19.97
OP2 LCG B 4 6.42 -26.85 24.38
N2 LCG B 4 7.33 -20.44 16.61
N3 LCG B 4 7.50 -22.23 18.06
O2' LCG B 4 11.07 -24.73 19.60
O3' LCG B 4 10.79 -24.36 22.28
O5' LCC C 1 -15.67 0.23 -39.27
C5' LCC C 1 -14.56 -0.37 -39.94
C4' LCC C 1 -14.17 0.64 -40.98
O4' LCC C 1 -15.34 1.08 -41.73
C1' LCC C 1 -14.87 2.35 -42.41
N1 LCC C 1 -15.90 3.35 -42.18
C6 LCC C 1 -16.89 3.10 -41.27
C5 LCC C 1 -17.93 3.96 -41.11
C5M LCC C 1 -18.89 3.61 -40.13
C4 LCC C 1 -17.90 5.13 -41.87
N4 LCC C 1 -18.91 5.97 -41.74
N3 LCC C 1 -16.91 5.35 -42.79
C2 LCC C 1 -15.91 4.50 -42.93
O2 LCC C 1 -15.01 4.73 -43.71
C3' LCC C 1 -13.78 2.00 -40.44
C2' LCC C 1 -13.57 2.55 -41.75
O2' LCC C 1 -12.67 1.67 -42.44
O3' LCC C 1 -12.56 1.93 -39.72
C6' LCC C 1 -13.00 0.27 -41.90
O5' LCC C 2 -12.04 4.28 -39.08
C5' LCC C 2 -10.94 4.56 -39.95
C4' LCC C 2 -11.42 5.83 -40.67
O4' LCC C 2 -12.63 5.69 -41.39
C1' LCC C 2 -13.13 7.02 -41.58
N1 LCC C 2 -14.42 7.27 -40.86
C6 LCC C 2 -14.88 6.34 -39.91
C5 LCC C 2 -16.06 6.54 -39.24
C5M LCC C 2 -16.47 5.60 -38.28
C4 LCC C 2 -16.77 7.66 -39.61
N4 LCC C 2 -17.94 7.90 -38.99
N3 LCC C 2 -16.35 8.53 -40.56
C2 LCC C 2 -15.14 8.34 -41.18
O2 LCC C 2 -14.72 9.14 -42.01
C3' LCC C 2 -11.68 7.04 -39.80
C2' LCC C 2 -11.97 7.85 -40.94
O2' LCC C 2 -10.90 7.75 -41.85
O3' LCC C 2 -10.44 7.38 -39.13
C6' LCC C 2 -10.36 6.34 -41.68
P LCC C 2 -12.27 2.81 -38.32
O1P LCC C 2 -10.90 2.40 -37.85
O2P LCC C 2 -13.46 3.03 -37.52
P LCA C 3 -10.38 8.44 -37.91
O1P LCA C 3 -8.92 8.52 -37.42
O5' LCA C 3 -10.86 9.83 -38.49
C5' LCA C 3 -10.08 10.45 -39.52
C3' LCA C 3 -11.27 12.65 -38.96
C6' LCA C 3 -10.10 12.64 -40.93
N9 LCA C 3 -14.06 12.11 -39.63
C8 LCA C 3 -14.29 10.95 -38.97
C4 LCA C 3 -15.19 12.90 -39.56
N7 LCA C 3 -15.45 10.94 -38.34
C5 LCA C 3 -16.08 12.11 -38.73
C6 LCA C 3 -17.36 12.75 -38.49
C2' LCA C 3 -11.97 13.52 -39.95
N6 LCA C 3 -18.20 12.04 -37.75
C4' LCA C 3 -10.82 11.66 -40.00
C1' LCA C 3 -12.91 12.48 -40.47
C2 LCA C 3 -16.77 14.58 -39.72
N1 LCA C 3 -17.67 13.93 -38.99
O4' LCA C 3 -12.12 11.29 -40.56
O2P LCA C 3 -11.47 8.13 -36.97
N3 LCA C 3 -15.53 14.12 -40.03
O3' LCA C 3 -10.18 13.32 -38.33
O2' LCA C 3 -10.98 13.82 -40.91
P LCG C 4 -10.19 13.69 -36.72
OP1 LCG C 4 -8.80 14.14 -36.45
O5' LCG C 4 -11.25 14.92 -36.81
C5' LCG C 4 -10.97 16.10 -37.57
C3' LCG C 4 -12.68 17.24 -36.05
C6' LCG C 4 -12.13 18.27 -38.12
N9 LCG C 4 -15.22 15.90 -36.76
C8 LCG C 4 -14.80 14.66 -36.41
C4 LCG C 4 -16.54 15.95 -36.41
N7 LCG C 4 -15.78 13.93 -35.86
C5 LCG C 4 -16.89 14.76 -35.86
C6 LCG C 4 -18.18 14.56 -35.41
C2' LCG C 4 -13.83 18.05 -36.59
O6 LCG C 4 -18.68 13.52 -34.92
C4' LCG C 4 -12.20 16.93 -37.45
C1' LCG C 4 -14.49 16.89 -37.45
C2 LCG C 4 -18.64 16.82 -36.12
N1 LCG C 4 -19.04 15.61 -35.52
O4' LCG C 4 -13.38 16.20 -38.01
OP2 LCG C 4 -10.77 12.62 -35.85
N2 LCG C 4 -19.58 17.79 -36.22
N3 LCG C 4 -17.38 17.00 -36.54
O2' LCG C 4 -13.32 18.94 -37.55
O3' LCG C 4 -11.70 18.06 -35.42
O5' LCC D 1 -14.53 27.39 -6.83
C5' LCC D 1 -14.87 28.79 -7.10
C4' LCC D 1 -13.63 29.36 -7.82
O4' LCC D 1 -12.37 29.25 -7.14
C1' LCC D 1 -11.34 29.51 -8.07
N1 LCC D 1 -10.42 28.34 -8.03
C6 LCC D 1 -10.78 27.18 -7.32
C5 LCC D 1 -9.88 26.13 -7.30
C5M LCC D 1 -10.22 24.97 -6.56
C4 LCC D 1 -8.66 26.25 -8.01
N4 LCC D 1 -7.78 25.25 -8.00
N3 LCC D 1 -8.37 27.37 -8.68
C2 LCC D 1 -9.24 28.39 -8.70
O2 LCC D 1 -8.92 29.37 -9.36
C3' LCC D 1 -13.29 28.69 -9.10
C2' LCC D 1 -12.12 29.63 -9.35
O2' LCC D 1 -12.74 30.90 -9.30
O3' LCC D 1 -14.38 28.80 -10.11
C6' LCC D 1 -13.86 30.79 -8.26
O5' LCC D 2 -13.11 28.55 -12.33
C5' LCC D 2 -13.26 29.89 -12.84
C4' LCC D 2 -11.88 30.17 -13.43
O4' LCC D 2 -10.82 30.05 -12.56
C1' LCC D 2 -9.67 29.85 -13.29
N1 LCC D 2 -9.04 28.55 -12.98
C6 LCC D 2 -9.73 27.57 -12.24
C5 LCC D 2 -9.10 26.41 -11.94
C5M LCC D 2 -9.83 25.43 -11.17
C4 LCC D 2 -7.81 26.25 -12.38
N4 LCC D 2 -7.18 25.10 -12.10
N3 LCC D 2 -7.13 27.19 -13.11
C2 LCC D 2 -7.81 28.32 -13.38
O2 LCC D 2 -7.21 29.14 -14.07
C3' LCC D 2 -11.46 29.24 -14.53
C2' LCC D 2 -10.15 29.96 -14.73
O2' LCC D 2 -10.52 31.27 -14.90
O3' LCC D 2 -12.44 29.36 -15.57
C6' LCC D 2 -11.80 31.55 -14.12
P LCC D 2 -14.28 27.82 -11.48
O1P LCC D 2 -13.86 26.39 -11.31
O2P LCC D 2 -15.59 28.28 -11.95
P LCA D 3 -12.49 28.16 -16.74
O1P LCA D 3 -12.35 26.76 -16.17
O5' LCA D 3 -11.09 28.33 -17.50
C5' LCA D 3 -10.84 29.56 -18.20
C3' LCA D 3 -9.11 28.31 -19.58
C6' LCA D 3 -8.85 30.62 -19.64
N9 LCA D 3 -7.20 27.44 -17.57
C8 LCA D 3 -8.01 26.85 -16.62
C4 LCA D 3 -6.11 26.67 -17.68
N7 LCA D 3 -7.48 25.73 -16.13
C5 LCA D 3 -6.31 25.58 -16.76
C6 LCA D 3 -5.24 24.59 -16.68
C2' LCA D 3 -7.67 28.68 -19.74
N6 LCA D 3 -5.33 23.52 -15.83
C4' LCA D 3 -9.40 29.52 -18.73
C1' LCA D 3 -7.37 28.70 -18.24
C2 LCA D 3 -4.03 25.81 -18.27
N1 LCA D 3 -4.14 24.73 -17.46
O4' LCA D 3 -8.49 29.31 -17.64
O2P LCA D 3 -13.63 28.64 -17.60
N3 LCA D 3 -4.99 26.75 -18.41
O3' LCA D 3 -9.78 28.44 -20.82
O2' LCA D 3 -7.65 30.01 -20.21
P LCG D 4 -10.30 27.09 -21.68
OP1 LCG D 4 -11.09 27.70 -22.83
O5' LCG D 4 -8.89 26.55 -22.19
C5' LCG D 4 -8.10 27.22 -23.21
C3' LCG D 4 -6.98 24.96 -23.62
C6' LCG D 4 -5.89 26.92 -24.32
N9 LCG D 4 -5.60 24.28 -21.06
C8 LCG D 4 -6.70 24.32 -20.27
C4 LCG D 4 -4.86 23.24 -20.60
N7 LCG D 4 -6.65 23.35 -19.36
C5 LCG D 4 -5.50 22.69 -19.58
C6 LCG D 4 -4.96 21.65 -18.90
C2' LCG D 4 -5.49 24.71 -23.61
O6 LCG D 4 -5.44 21.08 -17.93
C4' LCG D 4 -6.82 26.40 -23.29
C1' LCG D 4 -5.22 25.17 -22.16
C2 LCG D 4 -3.15 21.78 -20.50
N1 LCG D 4 -3.78 21.23 -19.38
O4' LCG D 4 -6.08 26.37 -22.00
OP2 LCG D 4 -10.90 26.08 -20.80
N2 LCG D 4 -1.94 21.31 -20.88
N3 LCG D 4 -3.67 22.85 -21.13
O2' LCG D 4 -4.94 25.73 -24.46
O3' LCG D 4 -7.50 24.88 -24.94
MG MG E . 15.63 -13.98 26.43
MG MG F . 8.46 -17.00 28.90
MG MG G . 15.20 -9.95 35.61
P 5GP H . 23.18 -15.17 44.89
O1P 5GP H . 21.79 -14.62 44.76
O2P 5GP H . 23.11 -16.80 45.35
O3P 5GP H . 24.23 -14.46 45.68
O5' 5GP H . 23.79 -15.14 43.38
C5' 5GP H . 24.79 -16.08 42.95
C4' 5GP H . 24.99 -15.74 41.46
O4' 5GP H . 23.69 -15.67 40.75
C3' 5GP H . 25.45 -14.32 41.31
O3' 5GP H . 26.84 -14.27 41.48
C2' 5GP H . 25.14 -14.06 39.92
O2' 5GP H . 26.09 -14.72 39.07
C1' 5GP H . 23.76 -14.63 39.79
N9 5GP H . 22.70 -13.67 40.17
C8 5GP H . 21.82 -13.77 41.15
N7 5GP H . 20.98 -12.74 41.16
C5 5GP H . 21.32 -11.97 40.07
C6 5GP H . 20.86 -10.82 39.57
O6 5GP H . 19.92 -10.09 39.92
N1 5GP H . 21.52 -10.31 38.37
C2 5GP H . 22.54 -11.01 37.85
N2 5GP H . 23.08 -10.45 36.79
N3 5GP H . 23.06 -12.14 38.39
C4 5GP H . 22.39 -12.58 39.50
P 5GP I . 24.31 -8.60 47.42
O1P 5GP I . 25.46 -9.43 46.99
O2P 5GP I . 24.40 -8.56 49.05
O3P 5GP I . 24.18 -7.16 46.94
O5' 5GP I . 22.84 -9.48 47.09
C5' 5GP I . 22.31 -9.86 45.81
C4' 5GP I . 21.55 -8.64 45.22
O4' 5GP I . 22.38 -8.25 44.05
C3' 5GP I . 20.19 -8.91 44.64
O3' 5GP I . 19.54 -7.62 44.51
C2' 5GP I . 20.48 -9.47 43.26
O2' 5GP I . 19.39 -9.17 42.41
C1' 5GP I . 21.69 -8.64 42.78
N9 5GP I . 22.74 -9.44 42.09
C8 5GP I . 23.30 -10.55 42.50
N7 5GP I . 24.27 -10.92 41.67
C5 5GP I . 24.34 -9.97 40.74
C6 5GP I . 25.13 -9.84 39.66
O6 5GP I . 26.01 -10.65 39.33
N1 5GP I . 24.93 -8.73 38.89
C2 5GP I . 23.99 -7.71 39.18
N2 5GP I . 23.90 -6.67 38.37
N3 5GP I . 23.19 -7.89 40.26
C4 5GP I . 23.41 -9.01 41.00
MG MG J . 9.65 -24.98 27.59
MG MG K . 3.07 -9.65 44.35
MG MG L . 9.50 -9.73 35.12
MG MG M . 28.23 -15.47 39.76
P 5GP N . 4.44 -27.28 8.88
O1P 5GP N . 3.55 -27.28 7.52
O2P 5GP N . 5.65 -28.10 8.67
O3P 5GP N . 3.58 -27.57 10.06
O5' 5GP N . 4.84 -25.71 9.00
C5' 5GP N . 6.06 -25.32 9.57
C4' 5GP N . 5.98 -25.56 11.12
O4' 5GP N . 4.64 -25.33 11.59
C3' 5GP N . 6.37 -27.00 11.71
O3' 5GP N . 7.64 -26.87 12.47
C2' 5GP N . 5.21 -27.41 12.65
O2' 5GP N . 5.79 -28.02 13.91
C1' 5GP N . 4.61 -25.99 12.86
N9 5GP N . 3.30 -25.73 13.58
C8 5GP N . 2.51 -24.68 13.31
N7 5GP N . 1.52 -24.64 14.15
C5 5GP N . 1.66 -25.67 14.97
C6 5GP N . 0.93 -26.12 15.97
O6 5GP N . -0.11 -25.66 16.44
N1 5GP N . 1.35 -27.28 16.63
C2 5GP N . 2.53 -27.90 16.21
N2 5GP N . 2.89 -29.00 16.90
N3 5GP N . 3.28 -27.45 15.21
C4 5GP N . 2.80 -26.34 14.59
P 5GP O . -0.31 -26.98 9.44
O1P 5GP O . 0.14 -27.19 7.89
O2P 5GP O . -1.66 -27.58 9.65
O3P 5GP O . -0.01 -25.59 9.92
O5' 5GP O . 0.77 -27.94 10.15
C5' 5GP O . 1.00 -29.27 9.76
C4' 5GP O . 1.44 -29.90 11.10
O4' 5GP O . 1.63 -28.83 12.08
C3' 5GP O . 0.32 -30.77 11.68
O3' 5GP O . 0.43 -32.11 11.26
C2' 5GP O . 0.58 -30.71 13.12
O2' 5GP O . 1.76 -31.44 13.42
C1' 5GP O . 0.88 -29.22 13.29
N9 5GP O . -0.32 -28.32 13.70
C8 5GP O . -0.83 -27.16 13.26
N7 5GP O . -1.86 -26.82 14.05
C5 5GP O . -1.95 -27.77 15.00
C6 5GP O . -2.79 -27.91 16.01
O6 5GP O . -3.69 -27.10 16.25
N1 5GP O . -2.67 -29.01 16.84
C2 5GP O . -1.69 -29.93 16.57
N2 5GP O . -1.60 -30.97 17.33
N3 5GP O . -0.84 -29.80 15.54
C4 5GP O . -0.99 -28.70 14.76
MG MG P . -8.41 15.19 -32.22
MG MG Q . -12.82 16.24 -25.42
MG MG R . -16.45 9.73 -34.57
MG MG S . -2.43 21.19 -11.44
P 5GP T . -24.76 14.54 -43.80
O1P 5GP T . -25.20 14.56 -45.24
O2P 5GP T . -25.48 15.75 -43.00
O3P 5GP T . -24.75 13.23 -43.00
O5' 5GP T . -23.25 15.14 -43.88
C5' 5GP T . -22.89 16.38 -44.54
C4' 5GP T . -21.35 16.37 -44.45
O4' 5GP T . -20.92 16.12 -43.02
C3' 5GP T . -20.81 15.12 -45.12
O3' 5GP T . -20.69 15.29 -46.49
C2' 5GP T . -19.50 15.03 -44.49
O2' 5GP T . -18.60 15.98 -45.05
C1' 5GP T . -19.75 15.32 -43.06
N9 5GP T . -20.08 14.09 -42.26
C8 5GP T . -21.22 13.81 -41.63
N7 5GP T . -21.16 12.65 -41.00
C5 5GP T . -19.90 12.16 -41.19
C6 5GP T . -19.28 11.03 -40.81
O6 5GP T . -19.67 10.07 -40.09
N1 5GP T . -17.89 10.85 -41.22
C2 5GP T . -17.33 11.83 -41.97
N2 5GP T . -16.09 11.60 -42.36
N3 5GP T . -17.98 12.95 -42.41
C4 5GP T . -19.27 13.06 -41.97
P 5GP U . -25.72 9.35 -45.66
O1P 5GP U . -27.21 9.55 -46.22
O2P 5GP U . -24.86 10.41 -46.25
O3P 5GP U . -25.35 7.91 -45.82
O5' 5GP U . -25.87 9.69 -44.05
C5' 5GP U . -24.74 9.82 -43.29
C4' 5GP U . -24.20 8.38 -43.03
O4' 5GP U . -22.85 8.16 -43.70
C3' 5GP U . -23.90 8.21 -41.58
O3' 5GP U . -23.63 6.81 -41.31
C2' 5GP U . -22.63 9.04 -41.49
O2' 5GP U . -21.94 8.71 -40.28
C1' 5GP U . -21.78 8.58 -42.71
N9 5GP U . -21.04 9.66 -43.43
C8 5GP U . -21.55 10.78 -43.88
N7 5GP U . -20.66 11.49 -44.57
C5 5GP U . -19.55 10.74 -44.58
C6 5GP U . -18.35 10.98 -45.11
O6 5GP U . -18.00 11.98 -45.75
N1 5GP U . -17.44 9.97 -44.93
C2 5GP U . -17.67 8.78 -44.25
N2 5GP U . -16.71 7.86 -44.13
N3 5GP U . -18.88 8.58 -43.71
C4 5GP U . -19.78 9.58 -43.91
MG MG V . -12.94 24.39 -24.95
MG MG W . -27.19 5.50 -25.08
MG MG X . -17.05 8.51 -29.05
MG MG Y . -18.98 17.01 -47.16
P 5GP Z . 3.76 25.40 -14.66
O1P 5GP Z . 2.37 25.23 -14.22
O2P 5GP Z . 4.58 25.98 -13.39
O3P 5GP Z . 4.48 24.24 -15.25
O5' 5GP Z . 3.88 26.68 -15.71
C5' 5GP Z . 3.05 27.83 -15.64
C4' 5GP Z . 2.15 27.58 -16.86
O4' 5GP Z . 1.28 26.40 -16.65
C3' 5GP Z . 1.20 28.77 -17.17
O3' 5GP Z . 0.77 28.76 -18.60
C2' 5GP Z . 0.03 28.44 -16.32
O2' 5GP Z . -1.12 29.12 -16.92
C1' 5GP Z . -0.06 26.90 -16.51
N9 5GP Z . -0.91 26.11 -15.48
C8 5GP Z . -0.62 24.96 -14.82
N7 5GP Z . -1.64 24.59 -14.10
C5 5GP Z . -2.61 25.48 -14.23
C6 5GP Z . -3.82 25.59 -13.70
O6 5GP Z . -4.38 24.87 -12.88
N1 5GP Z . -4.58 26.71 -14.08
C2 5GP Z . -4.04 27.63 -14.98
N2 5GP Z . -4.83 28.66 -15.32
N3 5GP Z . -2.84 27.49 -15.53
C4 5GP Z . -2.13 26.43 -15.11
P 5GP AA . 1.83 27.60 -9.92
O1P 5GP AA . 1.18 26.08 -9.94
O2P 5GP AA . 3.19 27.66 -10.54
O3P 5GP AA . 1.62 28.12 -8.55
O5' 5GP AA . 0.88 28.43 -10.92
C5' 5GP AA . 1.34 29.54 -11.66
C4' 5GP AA . 0.26 29.73 -12.75
O4' 5GP AA . -0.58 28.51 -12.89
C3' 5GP AA . -0.74 30.87 -12.43
O3' 5GP AA . -1.42 31.23 -13.65
C2' 5GP AA . -1.73 30.20 -11.57
O2' 5GP AA . -2.95 30.96 -11.56
C1' 5GP AA . -1.88 28.83 -12.32
N9 5GP AA . -2.34 27.66 -11.48
C8 5GP AA . -1.80 26.50 -11.06
N7 5GP AA . -2.71 25.83 -10.35
C5 5GP AA . -3.82 26.59 -10.32
C6 5GP AA . -5.00 26.44 -9.74
O6 5GP AA . -5.31 25.46 -9.07
N1 5GP AA . -5.94 27.44 -9.90
C2 5GP AA . -5.64 28.56 -10.64
N2 5GP AA . -6.55 29.45 -10.75
N3 5GP AA . -4.46 28.74 -11.20
C4 5GP AA . -3.57 27.74 -11.02
#